data_5PHE
#
_entry.id   5PHE
#
_cell.length_a   71.529
_cell.length_b   71.529
_cell.length_c   150.362
_cell.angle_alpha   90.000
_cell.angle_beta   90.000
_cell.angle_gamma   90.000
#
_symmetry.space_group_name_H-M   'P 43 21 2'
#
loop_
_entity.id
_entity.type
_entity.pdbx_description
1 polymer 'Lysine-specific demethylase 4D'
2 non-polymer 'ZINC ION'
3 non-polymer 'NICKEL (II) ION'
4 non-polymer N-OXALYLGLYCINE
5 non-polymer 1,2-ETHANEDIOL
6 non-polymer 'SULFATE ION'
7 non-polymer 4-PHENYL-1H-IMIDAZOLE
8 water water
#
_entity_poly.entity_id   1
_entity_poly.type   'polypeptide(L)'
_entity_poly.pdbx_seq_one_letter_code
;MHHHHHHSSGVDLGTENLYFQSMETMKSKANCAQNPNCNIMIFHPTKEEFNDFDKYIAYMESQGAHRAGLAKIIPPKEWK
ARETYDNISEILIATPLQQVASGRAGVFTQYHKKKKAMTVGEYRHLANSKKYQTPPHQNFEDLERKYWKNRIYNSPIYGA
DISGSLFDENTKQWNLGHLGTIQDLLEKECGVVIEGVNTPYLYFGMWKTTFAWHTEDMDLYSINYLHLGEPKTWYVVPPE
HGQRLERLARELFPGSSRGCGAFLRHKVALISPTVLKENGIPFNRITQEAGEFMVTFPYGYHAGFNHGFNCAEAINFATP
RWIDYGKMASQCSCGEARVTFSMDAFVRILQPERYDLWKRGQDR
;
_entity_poly.pdbx_strand_id   A
#
# COMPACT_ATOMS: atom_id res chain seq x y z
N ALA A 33 17.01 8.96 -20.79
CA ALA A 33 16.02 8.47 -19.83
C ALA A 33 16.32 8.97 -18.42
N GLN A 34 15.31 9.53 -17.77
CA GLN A 34 15.47 10.06 -16.42
C GLN A 34 15.45 8.95 -15.38
N ASN A 35 16.28 9.11 -14.35
CA ASN A 35 16.37 8.14 -13.25
C ASN A 35 16.58 6.68 -13.73
N PRO A 36 17.61 6.43 -14.55
CA PRO A 36 17.77 5.08 -15.11
C PRO A 36 18.11 4.00 -14.07
N ASN A 37 18.70 4.37 -12.93
CA ASN A 37 18.98 3.41 -11.88
C ASN A 37 17.75 3.14 -11.00
N CYS A 38 16.64 3.82 -11.26
CA CYS A 38 15.38 3.56 -10.56
C CYS A 38 15.47 3.85 -9.07
N ASN A 39 16.16 4.92 -8.71
CA ASN A 39 16.25 5.36 -7.32
C ASN A 39 14.96 5.97 -6.82
N ILE A 40 14.66 5.79 -5.54
CA ILE A 40 13.55 6.49 -4.92
C ILE A 40 13.87 7.98 -4.83
N MET A 41 13.03 8.80 -5.44
CA MET A 41 13.23 10.25 -5.42
C MET A 41 12.38 10.92 -4.34
N ILE A 42 12.91 12.01 -3.82
CA ILE A 42 12.27 12.78 -2.75
C ILE A 42 12.00 14.18 -3.29
N PHE A 43 10.76 14.64 -3.14
CA PHE A 43 10.34 15.92 -3.69
C PHE A 43 9.95 16.90 -2.60
N HIS A 44 10.26 18.18 -2.82
CA HIS A 44 9.93 19.26 -1.90
C HIS A 44 9.14 20.35 -2.62
N PRO A 45 7.88 20.09 -2.95
CA PRO A 45 7.08 21.10 -3.64
C PRO A 45 6.90 22.38 -2.84
N THR A 46 6.89 23.51 -3.53
CA THR A 46 6.50 24.76 -2.90
C THR A 46 4.99 24.79 -2.69
N LYS A 47 4.49 25.76 -1.93
CA LYS A 47 3.05 25.83 -1.73
C LYS A 47 2.33 26.09 -3.06
N GLU A 48 2.96 26.83 -3.97
CA GLU A 48 2.38 27.05 -5.29
C GLU A 48 2.30 25.75 -6.08
N GLU A 49 3.36 24.96 -6.01
CA GLU A 49 3.40 23.68 -6.72
C GLU A 49 2.46 22.65 -6.11
N PHE A 50 1.98 22.89 -4.89
CA PHE A 50 1.17 21.93 -4.14
C PHE A 50 -0.31 22.13 -4.43
N ASN A 51 -0.64 23.06 -5.32
CA ASN A 51 -2.05 23.34 -5.62
C ASN A 51 -2.67 22.31 -6.55
N ASP A 52 -1.96 21.96 -7.60
CA ASP A 52 -2.48 21.11 -8.66
C ASP A 52 -1.90 19.69 -8.55
N PHE A 53 -2.67 18.78 -7.97
CA PHE A 53 -2.20 17.44 -7.67
C PHE A 53 -1.76 16.69 -8.93
N ASP A 54 -2.65 16.62 -9.92
N ASP A 54 -2.62 16.65 -9.94
CA ASP A 54 -2.35 15.91 -11.17
CA ASP A 54 -2.33 15.89 -11.13
C ASP A 54 -1.08 16.44 -11.82
C ASP A 54 -1.12 16.44 -11.90
N LYS A 55 -0.95 17.76 -11.86
CA LYS A 55 0.19 18.40 -12.51
C LYS A 55 1.49 18.00 -11.80
N TYR A 56 1.46 17.90 -10.47
CA TYR A 56 2.69 17.58 -9.77
C TYR A 56 3.06 16.09 -9.94
N ILE A 57 2.07 15.20 -9.98
CA ILE A 57 2.37 13.79 -10.28
C ILE A 57 3.04 13.71 -11.65
N ALA A 58 2.48 14.41 -12.64
CA ALA A 58 3.06 14.42 -13.98
C ALA A 58 4.49 14.97 -13.95
N TYR A 59 4.71 16.01 -13.14
CA TYR A 59 6.06 16.56 -13.01
C TYR A 59 7.04 15.53 -12.43
N MET A 60 6.63 14.84 -11.37
N MET A 60 6.64 14.84 -11.36
CA MET A 60 7.48 13.82 -10.76
CA MET A 60 7.50 13.82 -10.77
C MET A 60 7.87 12.76 -11.79
C MET A 60 7.88 12.77 -11.81
N GLU A 61 6.90 12.35 -12.61
CA GLU A 61 7.17 11.34 -13.64
C GLU A 61 8.09 11.90 -14.73
N SER A 62 7.99 13.18 -15.05
CA SER A 62 8.89 13.78 -16.04
C SER A 62 10.34 13.70 -15.56
N GLN A 63 10.52 13.58 -14.24
CA GLN A 63 11.86 13.47 -13.67
C GLN A 63 12.27 12.02 -13.43
N GLY A 64 11.41 11.09 -13.84
CA GLY A 64 11.69 9.67 -13.72
C GLY A 64 11.31 9.02 -12.40
N ALA A 65 10.52 9.71 -11.59
CA ALA A 65 10.21 9.19 -10.25
C ALA A 65 9.54 7.81 -10.29
N HIS A 66 8.69 7.58 -11.27
CA HIS A 66 7.94 6.33 -11.36
C HIS A 66 8.83 5.12 -11.58
N ARG A 67 10.04 5.32 -12.11
CA ARG A 67 10.88 4.17 -12.39
C ARG A 67 11.25 3.41 -11.11
N ALA A 68 11.27 4.10 -9.97
CA ALA A 68 11.54 3.45 -8.69
C ALA A 68 10.39 2.61 -8.18
N GLY A 69 9.16 2.99 -8.56
CA GLY A 69 7.96 2.37 -8.01
C GLY A 69 7.39 3.10 -6.80
N LEU A 70 8.17 4.03 -6.24
CA LEU A 70 7.84 4.72 -5.00
C LEU A 70 8.53 6.07 -4.98
N ALA A 71 7.84 7.11 -4.52
CA ALA A 71 8.44 8.43 -4.31
C ALA A 71 7.98 8.99 -2.97
N LYS A 72 8.83 9.83 -2.37
CA LYS A 72 8.47 10.58 -1.16
C LYS A 72 8.20 12.03 -1.52
N ILE A 73 7.13 12.59 -0.94
CA ILE A 73 6.82 14.00 -1.13
C ILE A 73 6.70 14.67 0.24
N ILE A 74 7.57 15.64 0.47
CA ILE A 74 7.54 16.40 1.72
C ILE A 74 6.72 17.66 1.47
N PRO A 75 5.59 17.84 2.18
CA PRO A 75 4.73 18.99 1.91
C PRO A 75 5.42 20.31 2.26
N PRO A 76 4.97 21.42 1.65
CA PRO A 76 5.45 22.75 2.01
C PRO A 76 5.31 23.00 3.51
N LYS A 77 6.23 23.79 4.08
CA LYS A 77 6.20 24.06 5.51
C LYS A 77 4.91 24.76 5.95
N GLU A 78 4.24 25.43 5.01
CA GLU A 78 3.00 26.15 5.31
C GLU A 78 1.77 25.25 5.39
N TRP A 79 1.91 24.00 4.97
CA TRP A 79 0.78 23.11 4.82
C TRP A 79 0.54 22.27 6.07
N LYS A 80 -0.72 21.97 6.34
CA LYS A 80 -1.06 20.97 7.36
C LYS A 80 -2.29 20.19 6.97
N ALA A 81 -2.34 18.94 7.42
CA ALA A 81 -3.47 18.06 7.11
C ALA A 81 -4.71 18.46 7.92
N ARG A 82 -4.49 18.83 9.17
CA ARG A 82 -5.54 19.23 10.09
C ARG A 82 -4.86 19.99 11.24
N GLU A 83 -5.65 20.60 12.11
CA GLU A 83 -5.09 21.42 13.19
C GLU A 83 -4.35 20.60 14.24
N THR A 84 -5.01 19.58 14.80
CA THR A 84 -4.40 18.73 15.82
C THR A 84 -4.93 17.30 15.71
N TYR A 85 -4.23 16.37 16.35
CA TYR A 85 -4.68 14.99 16.42
C TYR A 85 -5.16 14.65 17.83
N ASP A 86 -5.59 15.66 18.58
CA ASP A 86 -5.90 15.49 19.99
CA ASP A 86 -5.88 15.44 19.98
C ASP A 86 -7.24 14.81 20.26
N ASN A 87 -8.11 14.70 19.25
CA ASN A 87 -9.45 14.16 19.49
C ASN A 87 -9.80 12.93 18.67
N ILE A 88 -8.81 12.08 18.41
CA ILE A 88 -9.03 10.91 17.56
C ILE A 88 -9.23 9.60 18.32
N SER A 89 -9.23 9.65 19.65
CA SER A 89 -9.17 8.41 20.43
C SER A 89 -10.47 7.59 20.39
N GLU A 90 -11.57 8.21 19.95
CA GLU A 90 -12.87 7.53 19.94
C GLU A 90 -13.19 6.88 18.61
N ILE A 91 -12.32 7.05 17.62
CA ILE A 91 -12.42 6.28 16.38
C ILE A 91 -12.44 4.78 16.72
N LEU A 92 -13.30 4.02 16.09
CA LEU A 92 -13.37 2.58 16.35
C LEU A 92 -12.61 1.78 15.31
N ILE A 93 -11.79 0.86 15.81
CA ILE A 93 -11.21 -0.18 15.00
C ILE A 93 -12.10 -1.42 15.18
N ALA A 94 -13.07 -1.58 14.28
CA ALA A 94 -14.09 -2.62 14.44
C ALA A 94 -13.51 -4.02 14.40
N THR A 95 -12.46 -4.22 13.62
CA THR A 95 -11.87 -5.54 13.46
C THR A 95 -10.35 -5.45 13.42
N PRO A 96 -9.73 -5.29 14.59
CA PRO A 96 -8.26 -5.33 14.65
C PRO A 96 -7.77 -6.69 14.14
N LEU A 97 -6.62 -6.70 13.48
CA LEU A 97 -6.11 -7.94 12.89
C LEU A 97 -4.78 -8.33 13.52
N GLN A 98 -4.73 -9.53 14.10
CA GLN A 98 -3.49 -10.07 14.65
C GLN A 98 -2.73 -10.78 13.54
N GLN A 99 -1.49 -10.34 13.28
CA GLN A 99 -0.73 -10.81 12.13
C GLN A 99 0.22 -11.94 12.53
N VAL A 100 -0.21 -13.17 12.29
CA VAL A 100 0.50 -14.36 12.75
C VAL A 100 1.37 -14.92 11.64
N ALA A 101 2.67 -15.08 11.90
CA ALA A 101 3.62 -15.50 10.87
C ALA A 101 3.90 -17.00 10.87
N SER A 102 4.26 -17.49 9.68
CA SER A 102 4.70 -18.88 9.48
CA SER A 102 4.68 -18.86 9.51
C SER A 102 5.83 -18.90 8.49
N GLY A 103 6.87 -19.69 8.77
CA GLY A 103 7.98 -19.81 7.84
C GLY A 103 9.32 -19.57 8.52
N ARG A 104 10.18 -18.84 7.83
N ARG A 104 10.22 -18.90 7.82
CA ARG A 104 11.50 -18.51 8.34
CA ARG A 104 11.53 -18.55 8.39
C ARG A 104 11.62 -17.01 8.51
C ARG A 104 11.68 -17.03 8.43
N ALA A 105 12.67 -16.56 9.18
CA ALA A 105 12.79 -15.13 9.49
C ALA A 105 12.75 -14.24 8.26
N GLY A 106 13.38 -14.68 7.17
CA GLY A 106 13.46 -13.90 5.95
C GLY A 106 12.47 -14.27 4.85
N VAL A 107 11.72 -15.35 5.05
CA VAL A 107 10.76 -15.83 4.06
C VAL A 107 9.57 -16.40 4.80
N PHE A 108 8.49 -15.64 4.89
CA PHE A 108 7.35 -16.07 5.69
C PHE A 108 6.04 -15.57 5.13
N THR A 109 4.95 -16.21 5.53
CA THR A 109 3.63 -15.70 5.25
C THR A 109 3.01 -15.23 6.55
N GLN A 110 1.97 -14.40 6.46
CA GLN A 110 1.21 -14.04 7.65
C GLN A 110 -0.28 -14.18 7.37
N TYR A 111 -1.01 -14.65 8.38
CA TYR A 111 -2.46 -14.64 8.26
C TYR A 111 -3.01 -13.67 9.28
N HIS A 112 -4.22 -13.22 9.02
CA HIS A 112 -4.87 -12.22 9.86
CA HIS A 112 -4.87 -12.21 9.86
C HIS A 112 -5.97 -12.83 10.72
N LYS A 113 -5.75 -12.84 12.02
CA LYS A 113 -6.73 -13.33 12.97
C LYS A 113 -7.55 -12.16 13.48
N LYS A 114 -8.87 -12.22 13.32
CA LYS A 114 -9.73 -11.14 13.77
C LYS A 114 -9.80 -11.09 15.29
N LYS A 115 -9.69 -9.88 15.83
CA LYS A 115 -9.80 -9.66 17.27
C LYS A 115 -11.03 -8.80 17.58
N LYS A 116 -11.37 -8.71 18.85
CA LYS A 116 -12.51 -7.88 19.26
C LYS A 116 -12.25 -6.40 19.02
N ALA A 117 -13.32 -5.66 18.78
CA ALA A 117 -13.24 -4.23 18.48
C ALA A 117 -12.58 -3.45 19.61
N MET A 118 -11.86 -2.40 19.24
N MET A 118 -11.78 -2.44 19.23
CA MET A 118 -11.32 -1.49 20.24
CA MET A 118 -11.20 -1.49 20.18
C MET A 118 -11.20 -0.09 19.65
C MET A 118 -11.31 -0.08 19.63
N THR A 119 -11.25 0.91 20.51
CA THR A 119 -11.09 2.29 20.07
C THR A 119 -9.61 2.57 19.80
N VAL A 120 -9.35 3.66 19.09
CA VAL A 120 -7.97 4.08 18.82
C VAL A 120 -7.24 4.36 20.14
N GLY A 121 -7.93 4.92 21.13
CA GLY A 121 -7.31 5.14 22.43
C GLY A 121 -6.87 3.84 23.08
N GLU A 122 -7.73 2.83 23.01
CA GLU A 122 -7.39 1.50 23.55
C GLU A 122 -6.24 0.86 22.76
N TYR A 123 -6.28 1.02 21.44
CA TYR A 123 -5.24 0.47 20.57
C TYR A 123 -3.89 1.11 20.86
N ARG A 124 -3.87 2.43 21.04
CA ARG A 124 -2.64 3.14 21.34
C ARG A 124 -2.02 2.64 22.66
N HIS A 125 -2.87 2.43 23.66
CA HIS A 125 -2.42 1.91 24.93
C HIS A 125 -1.83 0.50 24.77
N LEU A 126 -2.48 -0.33 23.95
CA LEU A 126 -1.97 -1.67 23.66
C LEU A 126 -0.61 -1.60 22.95
N ALA A 127 -0.51 -0.74 21.95
CA ALA A 127 0.74 -0.55 21.20
C ALA A 127 1.90 -0.19 22.11
N ASN A 128 1.63 0.60 23.15
CA ASN A 128 2.67 1.09 24.05
C ASN A 128 2.93 0.16 25.23
N SER A 129 2.20 -0.95 25.32
CA SER A 129 2.37 -1.89 26.43
C SER A 129 3.71 -2.61 26.31
N LYS A 130 4.18 -3.21 27.39
CA LYS A 130 5.46 -3.91 27.35
C LYS A 130 5.49 -5.01 26.27
N LYS A 131 4.37 -5.70 26.09
CA LYS A 131 4.30 -6.81 25.13
C LYS A 131 4.52 -6.36 23.69
N TYR A 132 4.04 -5.16 23.35
CA TYR A 132 3.98 -4.74 21.95
C TYR A 132 4.85 -3.53 21.59
N GLN A 133 5.43 -2.86 22.59
N GLN A 133 5.42 -2.87 22.58
CA GLN A 133 6.11 -1.60 22.31
CA GLN A 133 6.11 -1.60 22.34
C GLN A 133 7.43 -1.80 21.55
C GLN A 133 7.45 -1.78 21.61
N THR A 134 7.83 -0.76 20.83
CA THR A 134 9.11 -0.72 20.13
C THR A 134 10.26 -0.95 21.12
N PRO A 135 11.21 -1.82 20.75
CA PRO A 135 12.37 -2.03 21.63
C PRO A 135 13.37 -0.88 21.56
N PRO A 136 14.27 -0.79 22.55
CA PRO A 136 15.37 0.17 22.45
C PRO A 136 16.16 -0.07 21.16
N HIS A 137 16.59 0.99 20.50
CA HIS A 137 17.34 0.85 19.25
C HIS A 137 18.17 2.11 18.97
N GLN A 138 19.25 1.95 18.23
CA GLN A 138 20.20 3.04 18.01
C GLN A 138 19.79 4.01 16.91
N ASN A 139 19.16 3.48 15.87
CA ASN A 139 18.76 4.23 14.69
C ASN A 139 17.81 3.38 13.84
N PHE A 140 17.37 3.89 12.70
CA PHE A 140 16.43 3.15 11.85
C PHE A 140 17.03 1.84 11.35
N GLU A 141 18.33 1.84 11.06
CA GLU A 141 19.01 0.66 10.56
C GLU A 141 19.04 -0.46 11.60
N ASP A 142 19.31 -0.06 12.84
CA ASP A 142 19.29 -0.99 13.97
C ASP A 142 17.89 -1.59 14.12
N LEU A 143 16.86 -0.75 14.06
CA LEU A 143 15.51 -1.24 14.21
C LEU A 143 15.13 -2.18 13.06
N GLU A 144 15.57 -1.85 11.85
CA GLU A 144 15.34 -2.72 10.68
C GLU A 144 15.95 -4.11 10.88
N ARG A 145 17.17 -4.17 11.40
N ARG A 145 17.17 -4.16 11.40
CA ARG A 145 17.80 -5.45 11.69
CA ARG A 145 17.84 -5.41 11.71
C ARG A 145 16.98 -6.24 12.70
C ARG A 145 17.01 -6.24 12.71
N LYS A 146 16.52 -5.58 13.76
CA LYS A 146 15.70 -6.23 14.76
C LYS A 146 14.39 -6.74 14.18
N TYR A 147 13.78 -5.96 13.30
CA TYR A 147 12.55 -6.37 12.66
C TYR A 147 12.75 -7.69 11.91
N TRP A 148 13.75 -7.77 11.04
CA TRP A 148 13.86 -8.96 10.21
C TRP A 148 14.38 -10.16 11.00
N LYS A 149 15.12 -9.89 12.07
CA LYS A 149 15.60 -10.97 12.93
CA LYS A 149 15.60 -10.96 12.93
C LYS A 149 14.45 -11.60 13.72
N ASN A 150 13.54 -10.76 14.22
CA ASN A 150 12.58 -11.20 15.24
C ASN A 150 11.09 -11.14 14.90
N ARG A 151 10.75 -10.59 13.74
CA ARG A 151 9.32 -10.41 13.39
C ARG A 151 8.49 -11.68 13.54
N ILE A 152 9.00 -12.81 13.07
CA ILE A 152 8.13 -13.99 13.01
C ILE A 152 7.76 -14.54 14.39
N TYR A 153 8.52 -14.16 15.41
CA TYR A 153 8.29 -14.68 16.76
C TYR A 153 7.26 -13.89 17.56
N ASN A 154 6.65 -12.89 16.92
CA ASN A 154 5.62 -12.08 17.55
C ASN A 154 4.43 -11.95 16.64
N SER A 155 3.28 -11.56 17.18
CA SER A 155 2.09 -11.35 16.38
C SER A 155 1.45 -10.01 16.69
N PRO A 156 1.94 -8.95 16.05
CA PRO A 156 1.41 -7.61 16.30
C PRO A 156 -0.02 -7.47 15.80
N ILE A 157 -0.73 -6.47 16.30
CA ILE A 157 -2.13 -6.25 15.95
C ILE A 157 -2.22 -4.94 15.18
N TYR A 158 -2.90 -5.00 14.02
N TYR A 158 -2.89 -4.94 14.05
CA TYR A 158 -3.02 -3.89 13.04
CA TYR A 158 -3.03 -3.65 13.40
C TYR A 158 -4.49 -3.43 12.96
C TYR A 158 -4.42 -3.40 12.87
N GLY A 159 -4.75 -2.13 12.92
CA GLY A 159 -6.05 -1.64 12.53
C GLY A 159 -6.00 -1.22 11.08
N ALA A 160 -6.39 -2.10 10.16
CA ALA A 160 -6.22 -1.81 8.73
C ALA A 160 -7.53 -1.60 7.99
N ASP A 161 -7.44 -0.90 6.86
CA ASP A 161 -8.54 -0.77 5.92
C ASP A 161 -9.80 -0.24 6.59
N ILE A 162 -9.64 0.82 7.38
CA ILE A 162 -10.77 1.46 8.04
C ILE A 162 -11.24 2.62 7.18
N SER A 163 -12.44 2.53 6.61
N SER A 163 -12.45 2.54 6.65
CA SER A 163 -12.91 3.62 5.76
CA SER A 163 -12.96 3.61 5.81
C SER A 163 -13.05 4.90 6.59
C SER A 163 -13.09 4.92 6.57
N GLY A 164 -12.44 5.97 6.10
CA GLY A 164 -12.52 7.26 6.76
C GLY A 164 -11.38 8.17 6.37
N SER A 165 -11.36 9.38 6.93
CA SER A 165 -10.31 10.36 6.62
C SER A 165 -10.02 11.22 7.84
N LEU A 166 -8.75 11.63 7.99
CA LEU A 166 -8.38 12.58 9.05
C LEU A 166 -7.97 13.92 8.46
N PHE A 167 -8.17 14.12 7.17
CA PHE A 167 -7.93 15.45 6.59
C PHE A 167 -9.07 16.39 6.93
N ASP A 168 -8.73 17.59 7.39
CA ASP A 168 -9.71 18.64 7.63
C ASP A 168 -10.41 18.98 6.32
N GLU A 169 -11.72 19.17 6.33
CA GLU A 169 -12.44 19.44 5.09
C GLU A 169 -11.97 20.74 4.44
N ASN A 170 -11.36 21.63 5.23
CA ASN A 170 -10.86 22.90 4.72
C ASN A 170 -9.44 22.83 4.16
N THR A 171 -8.81 21.67 4.28
CA THR A 171 -7.50 21.46 3.66
C THR A 171 -7.69 21.27 2.17
N LYS A 172 -7.21 22.23 1.38
CA LYS A 172 -7.52 22.25 -0.05
C LYS A 172 -6.49 21.52 -0.89
N GLN A 173 -5.28 21.38 -0.38
CA GLN A 173 -4.18 20.78 -1.13
C GLN A 173 -3.88 19.36 -0.64
N TRP A 174 -3.77 18.43 -1.57
CA TRP A 174 -3.38 17.04 -1.29
C TRP A 174 -4.24 16.43 -0.17
N ASN A 175 -5.53 16.73 -0.21
CA ASN A 175 -6.52 16.15 0.67
C ASN A 175 -6.96 14.83 0.07
N LEU A 176 -6.58 13.71 0.70
CA LEU A 176 -6.80 12.40 0.09
C LEU A 176 -8.28 12.01 0.00
N GLY A 177 -9.15 12.77 0.64
CA GLY A 177 -10.59 12.56 0.50
C GLY A 177 -11.24 13.44 -0.57
N HIS A 178 -10.43 14.27 -1.23
CA HIS A 178 -10.95 15.18 -2.26
C HIS A 178 -10.26 14.99 -3.61
N LEU A 179 -9.69 13.82 -3.85
CA LEU A 179 -9.04 13.57 -5.13
C LEU A 179 -10.04 13.23 -6.22
N GLY A 180 -9.66 13.50 -7.47
CA GLY A 180 -10.43 13.04 -8.60
C GLY A 180 -10.52 11.53 -8.56
N THR A 181 -11.69 11.00 -8.91
CA THR A 181 -11.93 9.58 -8.74
C THR A 181 -11.38 8.75 -9.90
N ILE A 182 -11.07 7.49 -9.64
CA ILE A 182 -10.61 6.59 -10.69
CA ILE A 182 -10.59 6.64 -10.70
C ILE A 182 -11.70 6.38 -11.73
N GLN A 183 -12.96 6.34 -11.29
CA GLN A 183 -14.07 6.18 -12.23
C GLN A 183 -14.15 7.37 -13.19
N ASP A 184 -13.94 8.58 -12.69
CA ASP A 184 -13.94 9.74 -13.58
C ASP A 184 -12.72 9.75 -14.51
N LEU A 185 -11.58 9.27 -14.03
CA LEU A 185 -10.39 9.17 -14.88
C LEU A 185 -10.67 8.22 -16.05
N LEU A 186 -11.21 7.04 -15.74
N LEU A 186 -11.22 7.04 -15.74
CA LEU A 186 -11.52 6.08 -16.79
CA LEU A 186 -11.51 6.06 -16.77
C LEU A 186 -12.49 6.67 -17.79
C LEU A 186 -12.51 6.63 -17.78
N GLU A 187 -13.49 7.37 -17.28
CA GLU A 187 -14.46 7.99 -18.16
C GLU A 187 -13.82 9.07 -19.04
N LYS A 188 -12.96 9.91 -18.46
CA LYS A 188 -12.28 10.93 -19.23
C LYS A 188 -11.38 10.34 -20.32
N GLU A 189 -10.73 9.23 -20.00
CA GLU A 189 -9.78 8.62 -20.93
C GLU A 189 -10.41 7.73 -22.01
N CYS A 190 -11.44 7.00 -21.61
N CYS A 190 -11.41 6.95 -21.64
CA CYS A 190 -11.98 5.94 -22.45
CA CYS A 190 -11.95 6.00 -22.62
C CYS A 190 -13.41 6.20 -22.90
C CYS A 190 -13.42 6.22 -22.94
N GLY A 191 -14.03 7.23 -22.33
CA GLY A 191 -15.37 7.64 -22.72
C GLY A 191 -16.51 6.81 -22.19
N VAL A 192 -16.23 5.87 -21.28
CA VAL A 192 -17.26 5.03 -20.71
CA VAL A 192 -17.31 5.07 -20.72
C VAL A 192 -17.56 5.43 -19.26
N VAL A 193 -18.83 5.59 -18.94
CA VAL A 193 -19.26 5.91 -17.60
C VAL A 193 -19.45 4.61 -16.84
N ILE A 194 -18.92 4.52 -15.62
CA ILE A 194 -19.03 3.30 -14.82
C ILE A 194 -19.48 3.59 -13.41
N GLU A 195 -20.13 2.60 -12.79
CA GLU A 195 -20.46 2.66 -11.37
C GLU A 195 -19.19 2.55 -10.53
N GLY A 196 -19.31 2.89 -9.25
CA GLY A 196 -18.23 2.68 -8.31
C GLY A 196 -17.79 3.97 -7.66
N VAL A 197 -17.19 3.82 -6.48
CA VAL A 197 -16.67 4.95 -5.72
C VAL A 197 -15.30 4.57 -5.19
N ASN A 198 -14.63 5.58 -4.62
N ASN A 198 -14.50 5.56 -4.86
CA ASN A 198 -13.19 5.59 -4.39
CA ASN A 198 -13.31 5.22 -4.10
C ASN A 198 -12.84 6.44 -3.13
C ASN A 198 -13.07 6.32 -3.12
N THR A 199 -12.86 5.87 -1.90
CA THR A 199 -12.65 6.70 -0.71
C THR A 199 -11.43 6.23 0.08
N PRO A 200 -10.89 7.10 0.97
CA PRO A 200 -9.67 6.72 1.68
C PRO A 200 -9.84 5.70 2.78
N TYR A 201 -8.73 5.11 3.19
N TYR A 201 -8.73 5.06 3.13
CA TYR A 201 -8.69 4.18 4.31
CA TYR A 201 -8.63 4.14 4.27
C TYR A 201 -7.66 4.61 5.33
C TYR A 201 -7.73 4.75 5.35
N LEU A 202 -7.99 4.40 6.60
CA LEU A 202 -7.09 4.66 7.71
C LEU A 202 -6.43 3.37 8.16
N TYR A 203 -5.18 3.51 8.61
CA TYR A 203 -4.39 2.39 9.11
C TYR A 203 -3.77 2.78 10.43
N PHE A 204 -4.09 2.05 11.49
CA PHE A 204 -3.45 2.27 12.79
C PHE A 204 -2.47 1.14 13.03
N GLY A 205 -1.20 1.47 13.22
CA GLY A 205 -0.17 0.44 13.32
C GLY A 205 0.56 0.46 14.63
N MET A 206 1.34 -0.60 14.85
CA MET A 206 2.21 -0.68 16.01
C MET A 206 3.53 -1.33 15.56
N TRP A 207 4.49 -1.41 16.47
CA TRP A 207 5.75 -2.08 16.16
C TRP A 207 5.53 -3.45 15.52
N LYS A 208 6.24 -3.69 14.42
CA LYS A 208 6.25 -4.96 13.67
C LYS A 208 5.03 -5.20 12.81
N THR A 209 4.00 -4.36 12.89
CA THR A 209 2.90 -4.42 11.96
CA THR A 209 2.90 -4.55 11.95
C THR A 209 3.44 -4.40 10.54
N THR A 210 2.94 -5.27 9.68
CA THR A 210 3.58 -5.60 8.41
C THR A 210 2.65 -5.51 7.22
N PHE A 211 3.12 -4.90 6.13
CA PHE A 211 2.37 -5.03 4.89
CA PHE A 211 2.43 -4.94 4.85
C PHE A 211 3.18 -5.86 3.90
N ALA A 212 2.52 -6.91 3.43
CA ALA A 212 3.10 -7.93 2.57
C ALA A 212 3.39 -7.40 1.16
N TRP A 213 4.26 -8.10 0.44
CA TRP A 213 4.58 -7.73 -0.95
C TRP A 213 3.34 -7.70 -1.83
N HIS A 214 3.10 -6.56 -2.47
CA HIS A 214 1.94 -6.45 -3.34
C HIS A 214 2.07 -5.28 -4.30
N THR A 215 1.31 -5.32 -5.38
CA THR A 215 0.98 -4.10 -6.12
C THR A 215 -0.47 -3.74 -5.78
N GLU A 216 -0.92 -2.56 -6.18
CA GLU A 216 -2.29 -2.15 -5.89
C GLU A 216 -3.28 -2.90 -6.74
N ASP A 217 -4.54 -2.90 -6.31
CA ASP A 217 -5.61 -3.36 -7.18
C ASP A 217 -5.44 -2.54 -8.45
N MET A 218 -5.55 -3.43 -9.45
N MET A 218 -5.55 -3.41 -9.48
CA MET A 218 -5.61 -3.16 -10.87
CA MET A 218 -5.59 -3.11 -10.91
C MET A 218 -4.32 -2.49 -11.25
C MET A 218 -4.29 -2.50 -11.29
N ASP A 219 -3.24 -2.85 -10.54
CA ASP A 219 -2.01 -2.01 -10.60
C ASP A 219 -2.16 -0.47 -10.64
N LEU A 220 -3.07 0.02 -9.82
CA LEU A 220 -3.28 1.45 -9.63
C LEU A 220 -2.11 2.13 -8.90
N TYR A 221 -2.09 3.45 -8.92
CA TYR A 221 -1.24 4.19 -7.98
C TYR A 221 -1.83 4.10 -6.59
N SER A 222 -1.00 4.35 -5.58
CA SER A 222 -1.54 4.67 -4.26
CA SER A 222 -1.50 4.65 -4.25
C SER A 222 -0.80 5.89 -3.72
N ILE A 223 -1.47 6.60 -2.81
CA ILE A 223 -0.82 7.68 -2.09
C ILE A 223 -1.14 7.45 -0.62
N ASN A 224 -0.11 7.64 0.20
CA ASN A 224 -0.14 7.30 1.62
C ASN A 224 0.42 8.48 2.42
N TYR A 225 -0.39 9.01 3.34
CA TYR A 225 0.05 10.09 4.23
C TYR A 225 0.21 9.55 5.65
N LEU A 226 1.37 9.75 6.25
CA LEU A 226 1.58 9.33 7.63
C LEU A 226 1.17 10.49 8.55
N HIS A 227 -0.03 10.38 9.11
CA HIS A 227 -0.61 11.47 9.90
C HIS A 227 0.14 11.74 11.21
N LEU A 228 0.53 10.67 11.90
N LEU A 228 0.52 10.68 11.89
CA LEU A 228 0.90 10.77 13.30
CA LEU A 228 1.07 10.83 13.22
C LEU A 228 1.70 9.57 13.77
C LEU A 228 1.85 9.61 13.62
N GLY A 229 2.69 9.78 14.64
CA GLY A 229 3.37 8.69 15.29
C GLY A 229 4.70 8.26 14.69
N GLU A 230 5.01 6.99 14.90
CA GLU A 230 6.33 6.46 14.56
C GLU A 230 6.43 6.14 13.06
N PRO A 231 7.66 5.97 12.55
CA PRO A 231 7.82 5.82 11.11
C PRO A 231 7.30 4.51 10.51
N LYS A 232 7.33 4.50 9.18
CA LYS A 232 6.98 3.33 8.37
CA LYS A 232 7.04 3.28 8.41
C LYS A 232 8.15 3.10 7.40
N THR A 233 8.75 1.91 7.41
CA THR A 233 9.80 1.60 6.43
C THR A 233 9.21 0.84 5.25
N TRP A 234 9.58 1.26 4.04
CA TRP A 234 9.10 0.72 2.79
C TRP A 234 10.22 0.02 2.01
N TYR A 235 9.87 -1.08 1.34
CA TYR A 235 10.70 -1.71 0.32
C TYR A 235 9.93 -1.68 -1.00
N VAL A 236 10.65 -1.51 -2.12
CA VAL A 236 9.97 -1.40 -3.41
C VAL A 236 10.83 -1.95 -4.55
N VAL A 237 10.18 -2.66 -5.47
CA VAL A 237 10.82 -3.17 -6.68
C VAL A 237 10.39 -2.28 -7.86
N PRO A 238 11.36 -1.81 -8.68
CA PRO A 238 10.99 -1.03 -9.86
C PRO A 238 9.96 -1.74 -10.72
N PRO A 239 8.95 -1.01 -11.22
CA PRO A 239 7.93 -1.66 -12.06
C PRO A 239 8.53 -2.43 -13.23
N GLU A 240 9.64 -1.97 -13.80
CA GLU A 240 10.20 -2.67 -14.96
C GLU A 240 10.79 -4.03 -14.57
N HIS A 241 10.94 -4.28 -13.27
CA HIS A 241 11.50 -5.54 -12.78
C HIS A 241 10.53 -6.35 -11.93
N GLY A 242 9.24 -6.00 -11.98
CA GLY A 242 8.25 -6.69 -11.20
C GLY A 242 8.20 -8.19 -11.42
N GLN A 243 8.39 -8.60 -12.68
N GLN A 243 8.39 -8.62 -12.67
CA GLN A 243 8.35 -10.01 -13.03
CA GLN A 243 8.30 -10.04 -12.96
C GLN A 243 9.43 -10.80 -12.30
C GLN A 243 9.46 -10.83 -12.34
N ARG A 244 10.56 -10.16 -12.05
CA ARG A 244 11.67 -10.81 -11.32
C ARG A 244 11.24 -11.15 -9.89
N LEU A 245 10.52 -10.24 -9.26
CA LEU A 245 10.02 -10.52 -7.92
C LEU A 245 9.00 -11.66 -7.96
N GLU A 246 8.12 -11.63 -8.96
CA GLU A 246 7.12 -12.68 -9.10
C GLU A 246 7.75 -14.06 -9.26
N ARG A 247 8.81 -14.14 -10.07
CA ARG A 247 9.50 -15.41 -10.27
CA ARG A 247 9.49 -15.42 -10.28
C ARG A 247 10.11 -15.93 -8.98
N LEU A 248 10.75 -15.05 -8.21
CA LEU A 248 11.32 -15.46 -6.94
C LEU A 248 10.22 -15.90 -5.98
N ALA A 249 9.13 -15.15 -5.93
CA ALA A 249 8.03 -15.52 -5.05
C ALA A 249 7.50 -16.92 -5.39
N ARG A 250 7.41 -17.25 -6.68
N ARG A 250 7.41 -17.24 -6.68
CA ARG A 250 6.94 -18.58 -7.07
CA ARG A 250 6.94 -18.58 -7.06
C ARG A 250 7.89 -19.67 -6.59
C ARG A 250 7.88 -19.65 -6.53
N GLU A 251 9.18 -19.37 -6.58
CA GLU A 251 10.18 -20.31 -6.09
C GLU A 251 10.11 -20.46 -4.56
N LEU A 252 9.87 -19.35 -3.86
CA LEU A 252 9.93 -19.35 -2.40
C LEU A 252 8.64 -19.80 -1.73
N PHE A 253 7.52 -19.69 -2.43
CA PHE A 253 6.22 -20.11 -1.92
C PHE A 253 5.58 -21.06 -2.92
N PRO A 254 6.18 -22.26 -3.08
CA PRO A 254 5.78 -23.11 -4.21
C PRO A 254 4.35 -23.65 -4.12
N GLY A 255 3.89 -24.04 -2.94
CA GLY A 255 2.50 -24.45 -2.78
C GLY A 255 1.51 -23.34 -3.10
N SER A 256 1.79 -22.14 -2.62
CA SER A 256 0.91 -21.01 -2.89
C SER A 256 0.83 -20.72 -4.39
N SER A 257 1.96 -20.83 -5.06
CA SER A 257 2.04 -20.59 -6.50
C SER A 257 1.22 -21.61 -7.29
N ARG A 258 1.27 -22.87 -6.87
CA ARG A 258 0.46 -23.90 -7.53
C ARG A 258 -1.03 -23.64 -7.33
N GLY A 259 -1.40 -23.03 -6.21
CA GLY A 259 -2.79 -22.76 -5.90
C GLY A 259 -3.38 -21.58 -6.65
N CYS A 260 -2.54 -20.63 -7.04
CA CYS A 260 -3.03 -19.43 -7.69
C CYS A 260 -1.96 -18.76 -8.54
N GLY A 261 -2.31 -18.42 -9.77
CA GLY A 261 -1.38 -17.81 -10.71
C GLY A 261 -1.02 -16.37 -10.38
N ALA A 262 -1.70 -15.80 -9.40
CA ALA A 262 -1.43 -14.44 -8.96
C ALA A 262 -1.50 -14.35 -7.43
N PHE A 263 -0.83 -15.26 -6.73
CA PHE A 263 -1.03 -15.35 -5.28
C PHE A 263 -0.49 -14.15 -4.50
N LEU A 264 0.37 -13.32 -5.08
CA LEU A 264 0.77 -12.12 -4.35
C LEU A 264 -0.43 -11.19 -4.13
N ARG A 265 -1.48 -11.35 -4.93
CA ARG A 265 -2.75 -10.63 -4.73
C ARG A 265 -3.36 -10.93 -3.37
N HIS A 266 -2.95 -12.04 -2.75
CA HIS A 266 -3.49 -12.43 -1.45
C HIS A 266 -2.91 -11.57 -0.33
N LYS A 267 -1.80 -10.89 -0.63
CA LYS A 267 -1.13 -9.98 0.30
C LYS A 267 -0.78 -10.66 1.61
N VAL A 268 -0.07 -11.78 1.53
CA VAL A 268 0.35 -12.48 2.73
C VAL A 268 1.83 -12.88 2.73
N ALA A 269 2.58 -12.60 1.66
CA ALA A 269 3.96 -13.10 1.55
C ALA A 269 5.01 -12.02 1.85
N LEU A 270 6.00 -12.40 2.66
CA LEU A 270 7.11 -11.50 2.99
C LEU A 270 8.44 -12.13 2.61
N ILE A 271 9.31 -11.30 2.05
CA ILE A 271 10.67 -11.68 1.67
C ILE A 271 11.57 -10.55 2.14
N SER A 272 12.61 -10.88 2.89
CA SER A 272 13.50 -9.86 3.48
C SER A 272 14.44 -9.24 2.46
N PRO A 273 14.98 -8.04 2.77
CA PRO A 273 15.96 -7.45 1.85
C PRO A 273 17.20 -8.33 1.67
N THR A 274 17.59 -9.06 2.71
CA THR A 274 18.73 -9.97 2.59
C THR A 274 18.45 -11.06 1.55
N VAL A 275 17.25 -11.63 1.59
CA VAL A 275 16.91 -12.68 0.63
C VAL A 275 16.77 -12.09 -0.78
N LEU A 276 16.20 -10.89 -0.91
CA LEU A 276 16.14 -10.24 -2.21
C LEU A 276 17.56 -10.04 -2.78
N LYS A 277 18.47 -9.55 -1.95
CA LYS A 277 19.86 -9.34 -2.38
C LYS A 277 20.51 -10.65 -2.81
N GLU A 278 20.28 -11.71 -2.03
CA GLU A 278 20.88 -13.01 -2.32
C GLU A 278 20.44 -13.52 -3.67
N ASN A 279 19.23 -13.14 -4.08
CA ASN A 279 18.65 -13.59 -5.34
C ASN A 279 18.70 -12.57 -6.46
N GLY A 280 19.45 -11.49 -6.25
CA GLY A 280 19.68 -10.50 -7.29
C GLY A 280 18.44 -9.71 -7.72
N ILE A 281 17.46 -9.59 -6.83
CA ILE A 281 16.26 -8.82 -7.15
C ILE A 281 16.51 -7.33 -6.93
N PRO A 282 16.32 -6.52 -7.96
CA PRO A 282 16.52 -5.07 -7.76
C PRO A 282 15.43 -4.49 -6.86
N PHE A 283 15.84 -3.72 -5.85
CA PHE A 283 14.89 -3.08 -4.97
C PHE A 283 15.53 -1.89 -4.28
N ASN A 284 14.69 -1.07 -3.67
CA ASN A 284 15.15 0.04 -2.84
C ASN A 284 14.37 0.09 -1.55
N ARG A 285 14.85 0.89 -0.61
CA ARG A 285 14.17 1.04 0.67
C ARG A 285 14.22 2.49 1.12
N ILE A 286 13.23 2.88 1.92
CA ILE A 286 13.18 4.23 2.46
C ILE A 286 12.26 4.25 3.68
N THR A 287 12.54 5.13 4.62
CA THR A 287 11.67 5.27 5.79
C THR A 287 10.88 6.57 5.72
N GLN A 288 9.56 6.43 5.85
CA GLN A 288 8.59 7.52 5.85
C GLN A 288 8.34 7.96 7.28
N GLU A 289 8.38 9.27 7.53
CA GLU A 289 8.11 9.81 8.85
C GLU A 289 6.82 10.61 8.87
N ALA A 290 6.31 10.89 10.07
CA ALA A 290 5.06 11.61 10.19
C ALA A 290 5.12 12.95 9.45
N GLY A 291 4.04 13.28 8.74
CA GLY A 291 3.98 14.50 7.95
C GLY A 291 4.45 14.36 6.52
N GLU A 292 4.77 13.14 6.10
CA GLU A 292 5.28 12.88 4.74
C GLU A 292 4.32 12.01 3.93
N PHE A 293 4.23 12.30 2.63
CA PHE A 293 3.49 11.48 1.68
C PHE A 293 4.41 10.50 0.97
N MET A 294 3.90 9.30 0.70
CA MET A 294 4.53 8.39 -0.25
C MET A 294 3.55 8.13 -1.38
N VAL A 295 4.06 8.06 -2.61
CA VAL A 295 3.26 7.62 -3.75
C VAL A 295 3.85 6.33 -4.30
N THR A 296 3.01 5.30 -4.46
CA THR A 296 3.44 4.12 -5.21
C THR A 296 2.87 4.21 -6.63
N PHE A 297 3.67 3.73 -7.58
CA PHE A 297 3.35 3.87 -9.00
C PHE A 297 2.87 2.53 -9.56
N PRO A 298 2.11 2.57 -10.67
CA PRO A 298 1.57 1.34 -11.24
C PRO A 298 2.60 0.21 -11.37
N TYR A 299 2.23 -0.94 -10.81
CA TYR A 299 3.00 -2.19 -10.88
C TYR A 299 4.34 -2.09 -10.10
N GLY A 300 4.39 -1.17 -9.14
CA GLY A 300 5.51 -1.10 -8.22
C GLY A 300 5.23 -1.96 -6.99
N TYR A 301 5.83 -3.14 -6.94
CA TYR A 301 5.67 -4.02 -5.77
C TYR A 301 6.27 -3.35 -4.54
N HIS A 302 5.54 -3.38 -3.44
CA HIS A 302 6.06 -2.83 -2.21
C HIS A 302 5.64 -3.64 -0.99
N ALA A 303 6.43 -3.50 0.09
CA ALA A 303 6.19 -4.16 1.36
C ALA A 303 6.79 -3.27 2.44
N GLY A 304 6.48 -3.51 3.70
CA GLY A 304 7.13 -2.75 4.74
C GLY A 304 6.60 -3.03 6.13
N PHE A 305 7.01 -2.18 7.09
CA PHE A 305 6.63 -2.39 8.48
C PHE A 305 6.59 -1.07 9.23
N ASN A 306 5.82 -1.05 10.31
CA ASN A 306 5.72 0.12 11.18
C ASN A 306 6.69 0.04 12.36
N HIS A 307 7.22 1.18 12.76
CA HIS A 307 8.21 1.26 13.83
C HIS A 307 7.60 1.25 15.23
N GLY A 308 6.31 1.61 15.33
CA GLY A 308 5.66 1.83 16.61
C GLY A 308 4.27 2.37 16.32
N PHE A 309 3.56 2.85 17.35
CA PHE A 309 2.21 3.35 17.14
C PHE A 309 2.19 4.45 16.10
N ASN A 310 1.32 4.31 15.10
CA ASN A 310 1.15 5.36 14.11
C ASN A 310 -0.21 5.28 13.44
N CYS A 311 -0.51 6.31 12.64
CA CYS A 311 -1.73 6.36 11.86
C CYS A 311 -1.41 6.88 10.48
N ALA A 312 -1.79 6.12 9.46
CA ALA A 312 -1.63 6.51 8.08
C ALA A 312 -2.98 6.53 7.38
N GLU A 313 -3.07 7.32 6.31
CA GLU A 313 -4.26 7.35 5.47
C GLU A 313 -3.82 7.10 4.04
N ALA A 314 -4.56 6.28 3.30
CA ALA A 314 -4.16 5.96 1.93
C ALA A 314 -5.34 5.78 1.02
N ILE A 315 -5.12 6.01 -0.26
CA ILE A 315 -6.16 5.81 -1.26
C ILE A 315 -5.49 5.49 -2.59
N ASN A 316 -6.20 4.74 -3.45
CA ASN A 316 -5.75 4.53 -4.81
C ASN A 316 -6.17 5.67 -5.72
N PHE A 317 -5.35 5.94 -6.74
CA PHE A 317 -5.75 6.91 -7.77
C PHE A 317 -5.17 6.48 -9.10
N ALA A 318 -5.63 7.16 -10.15
CA ALA A 318 -5.22 6.87 -11.52
C ALA A 318 -4.80 8.12 -12.26
N THR A 319 -4.03 7.92 -13.33
CA THR A 319 -3.66 8.95 -14.29
C THR A 319 -3.82 8.35 -15.69
N PRO A 320 -3.70 9.17 -16.75
CA PRO A 320 -3.77 8.56 -18.08
C PRO A 320 -2.73 7.46 -18.30
N ARG A 321 -1.54 7.59 -17.71
CA ARG A 321 -0.49 6.59 -17.91
C ARG A 321 -0.85 5.25 -17.27
N TRP A 322 -1.73 5.27 -16.27
CA TRP A 322 -2.13 4.02 -15.60
C TRP A 322 -2.92 3.08 -16.53
N ILE A 323 -3.68 3.63 -17.47
CA ILE A 323 -4.66 2.81 -18.20
C ILE A 323 -4.02 1.53 -18.77
N ASP A 324 -2.86 1.66 -19.41
CA ASP A 324 -2.24 0.46 -19.98
C ASP A 324 -1.79 -0.55 -18.91
N TYR A 325 -1.39 -0.08 -17.74
CA TYR A 325 -1.08 -0.99 -16.64
C TYR A 325 -2.35 -1.71 -16.15
N GLY A 326 -3.45 -0.99 -16.08
CA GLY A 326 -4.72 -1.62 -15.69
C GLY A 326 -5.09 -2.76 -16.63
N LYS A 327 -4.88 -2.56 -17.93
CA LYS A 327 -5.16 -3.59 -18.92
C LYS A 327 -4.34 -4.86 -18.70
N MET A 328 -3.13 -4.69 -18.19
N MET A 328 -3.13 -4.65 -18.18
CA MET A 328 -2.21 -5.82 -18.07
CA MET A 328 -2.14 -5.72 -18.02
C MET A 328 -2.04 -6.31 -16.63
C MET A 328 -2.19 -6.44 -16.70
N ALA A 329 -2.92 -5.88 -15.73
CA ALA A 329 -2.85 -6.34 -14.35
C ALA A 329 -3.21 -7.82 -14.22
N SER A 330 -2.36 -8.54 -13.51
N SER A 330 -2.38 -8.56 -13.48
CA SER A 330 -2.66 -9.90 -13.15
CA SER A 330 -2.65 -9.98 -13.25
C SER A 330 -3.92 -9.92 -12.30
C SER A 330 -3.66 -10.14 -12.12
N GLN A 331 -4.65 -11.03 -12.32
CA GLN A 331 -5.75 -11.17 -11.38
C GLN A 331 -5.77 -12.51 -10.67
N CYS A 332 -6.18 -12.47 -9.42
CA CYS A 332 -6.49 -13.68 -8.67
C CYS A 332 -7.92 -14.11 -8.96
N SER A 333 -8.07 -15.37 -9.33
CA SER A 333 -9.40 -15.93 -9.55
C SER A 333 -9.66 -17.14 -8.66
N CYS A 334 -8.72 -17.44 -7.77
CA CYS A 334 -8.84 -18.62 -6.89
C CYS A 334 -9.81 -18.34 -5.76
N GLY A 335 -10.14 -17.08 -5.56
CA GLY A 335 -11.10 -16.70 -4.54
C GLY A 335 -10.52 -16.09 -3.28
N GLU A 336 -9.20 -16.16 -3.13
CA GLU A 336 -8.60 -15.66 -1.90
C GLU A 336 -8.57 -14.14 -1.83
N ALA A 337 -8.28 -13.48 -2.95
CA ALA A 337 -8.06 -12.04 -2.97
C ALA A 337 -9.27 -11.24 -2.49
N ARG A 338 -10.42 -11.46 -3.12
CA ARG A 338 -11.69 -10.84 -2.73
C ARG A 338 -11.60 -9.32 -2.50
N VAL A 339 -12.00 -8.54 -3.49
CA VAL A 339 -11.82 -7.10 -3.43
C VAL A 339 -13.13 -6.30 -3.50
N THR A 340 -12.98 -4.98 -3.54
CA THR A 340 -14.11 -4.07 -3.51
C THR A 340 -14.99 -4.18 -4.75
N PHE A 341 -16.27 -3.84 -4.65
N PHE A 341 -16.25 -3.85 -4.50
CA PHE A 341 -17.07 -3.97 -5.87
CA PHE A 341 -17.30 -3.58 -5.47
C PHE A 341 -16.69 -2.88 -6.89
C PHE A 341 -16.80 -2.89 -6.73
N SER A 342 -15.91 -1.90 -6.45
N SER A 342 -16.01 -1.84 -6.54
CA SER A 342 -15.42 -0.87 -7.35
CA SER A 342 -15.64 -0.95 -7.62
C SER A 342 -14.53 -1.45 -8.45
C SER A 342 -14.62 -1.57 -8.60
N MET A 343 -13.91 -2.60 -8.16
CA MET A 343 -12.98 -3.19 -9.11
CA MET A 343 -12.95 -3.22 -9.08
C MET A 343 -13.68 -3.95 -10.23
N ASP A 344 -14.94 -4.33 -10.01
CA ASP A 344 -15.72 -5.03 -11.04
C ASP A 344 -15.68 -4.30 -12.38
N ALA A 345 -16.00 -3.01 -12.34
CA ALA A 345 -16.07 -2.23 -13.57
C ALA A 345 -14.72 -2.13 -14.25
N PHE A 346 -13.65 -2.04 -13.46
N PHE A 346 -13.64 -2.07 -13.48
CA PHE A 346 -12.30 -1.95 -14.02
CA PHE A 346 -12.32 -1.94 -14.09
C PHE A 346 -12.00 -3.20 -14.84
C PHE A 346 -11.90 -3.22 -14.80
N VAL A 347 -12.25 -4.37 -14.25
CA VAL A 347 -11.98 -5.64 -14.94
C VAL A 347 -12.92 -5.76 -16.14
N ARG A 348 -14.19 -5.40 -15.94
CA ARG A 348 -15.20 -5.54 -16.99
C ARG A 348 -14.83 -4.75 -18.25
N ILE A 349 -14.35 -3.52 -18.07
CA ILE A 349 -14.03 -2.66 -19.19
C ILE A 349 -12.60 -2.87 -19.70
N LEU A 350 -11.62 -2.97 -18.81
CA LEU A 350 -10.24 -3.07 -19.27
C LEU A 350 -9.81 -4.47 -19.62
N GLN A 351 -10.41 -5.48 -18.98
N GLN A 351 -10.45 -5.48 -19.01
CA GLN A 351 -10.05 -6.86 -19.25
CA GLN A 351 -10.06 -6.88 -19.21
C GLN A 351 -11.30 -7.72 -19.46
C GLN A 351 -11.25 -7.79 -19.51
N PRO A 352 -12.03 -7.47 -20.55
CA PRO A 352 -13.27 -8.22 -20.76
C PRO A 352 -13.05 -9.73 -20.93
N GLU A 353 -11.94 -10.18 -21.49
CA GLU A 353 -11.68 -11.61 -21.61
CA GLU A 353 -11.72 -11.62 -21.60
C GLU A 353 -11.59 -12.27 -20.23
N ARG A 354 -10.95 -11.58 -19.29
N ARG A 354 -10.94 -11.58 -19.29
CA ARG A 354 -10.68 -12.15 -17.97
CA ARG A 354 -10.69 -12.16 -17.97
C ARG A 354 -11.85 -11.98 -17.01
C ARG A 354 -11.94 -12.11 -17.10
N TYR A 355 -12.85 -11.21 -17.44
CA TYR A 355 -13.95 -10.85 -16.55
C TYR A 355 -14.77 -12.04 -16.01
N ASP A 356 -15.20 -12.96 -16.88
CA ASP A 356 -16.00 -14.10 -16.46
CA ASP A 356 -15.99 -14.11 -16.46
C ASP A 356 -15.30 -14.92 -15.36
N LEU A 357 -14.04 -15.29 -15.61
CA LEU A 357 -13.29 -16.10 -14.66
C LEU A 357 -13.02 -15.36 -13.35
N TRP A 358 -12.69 -14.08 -13.45
CA TRP A 358 -12.40 -13.29 -12.27
C TRP A 358 -13.63 -13.11 -11.38
N LYS A 359 -14.77 -12.80 -12.00
CA LYS A 359 -16.00 -12.55 -11.28
C LYS A 359 -16.45 -13.80 -10.53
N ARG A 360 -16.11 -14.97 -11.07
CA ARG A 360 -16.40 -16.24 -10.42
C ARG A 360 -15.62 -16.34 -9.11
N GLY A 361 -14.43 -15.75 -9.07
CA GLY A 361 -13.60 -15.78 -7.89
C GLY A 361 -14.06 -14.82 -6.82
N GLN A 362 -14.94 -13.90 -7.19
CA GLN A 362 -15.48 -12.94 -6.24
C GLN A 362 -16.86 -13.38 -5.75
N ASP A 363 -17.54 -14.18 -6.57
CA ASP A 363 -18.86 -14.70 -6.23
C ASP A 363 -18.89 -16.22 -6.31
#